data_3THN
#
_entry.id   3THN
#
_cell.length_a   138.859
_cell.length_b   138.859
_cell.length_c   123.102
_cell.angle_alpha   90.00
_cell.angle_beta   90.00
_cell.angle_gamma   120.00
#
_symmetry.space_group_name_H-M   'P 61 2 2'
#
loop_
_entity.id
_entity.type
_entity.pdbx_description
1 polymer 'Exonuclease, putative'
2 non-polymer 'MANGANESE (II) ION'
3 non-polymer 'SULFATE ION'
4 water water
#
_entity_poly.entity_id   1
_entity_poly.type   'polypeptide(L)'
_entity_poly.pdbx_seq_one_letter_code
;MKILHTSDWHLGVTSWTSSRPVDRREELKKALDKVVEEAEKREVDLILLTGDLLHSRNNPSVVALHDLLDYLKRMMRTAP
VVVLPGNQDWKGLKLFGNFVTSISSDITFVMSFEPVDVEAKRGQKVRILPFPYPDESEALRKNEGDFRFFLESRLNKLYE
EALKKEDFAIFMGHFTVEGLAGYAGIEQGREIIINRALIPSVVDYAALGHIHSFREIQKQPLTIYPGSLIRIDFGEEADE
KGAVFVELKRGEPPRYERIDASPLPLKTLYYKKIDTSALKSIRDSCRNFPGYVRVVYEEDSGILPDLMGEIDNLVKIER
;
_entity_poly.pdbx_strand_id   A
#
loop_
_chem_comp.id
_chem_comp.type
_chem_comp.name
_chem_comp.formula
MN non-polymer 'MANGANESE (II) ION' 'Mn 2'
SO4 non-polymer 'SULFATE ION' 'O4 S -2'
#
# COMPACT_ATOMS: atom_id res chain seq x y z
N MET A 1 19.81 7.29 9.84
CA MET A 1 19.27 5.97 9.47
C MET A 1 18.44 6.09 8.20
N LYS A 2 18.70 5.24 7.23
CA LYS A 2 17.99 5.31 5.96
C LYS A 2 16.92 4.22 5.85
N ILE A 3 15.74 4.59 5.39
CA ILE A 3 14.59 3.68 5.35
C ILE A 3 13.96 3.61 3.97
N LEU A 4 13.57 2.42 3.57
CA LEU A 4 12.70 2.23 2.42
C LEU A 4 11.35 1.86 3.01
N HIS A 5 10.34 2.66 2.70
CA HIS A 5 8.98 2.37 3.14
C HIS A 5 8.14 2.12 1.89
N THR A 6 7.52 0.94 1.80
CA THR A 6 6.69 0.63 0.65
C THR A 6 5.52 -0.24 1.04
N SER A 7 4.45 -0.19 0.25
CA SER A 7 3.19 -0.73 0.73
C SER A 7 2.24 -1.13 -0.37
N ASP A 8 1.21 -1.86 0.00
CA ASP A 8 0.03 -2.00 -0.85
C ASP A 8 0.40 -2.51 -2.23
N TRP A 9 1.14 -3.60 -2.27
CA TRP A 9 1.62 -4.16 -3.51
C TRP A 9 0.49 -4.83 -4.29
N HIS A 10 -0.35 -5.54 -3.56
CA HIS A 10 -1.42 -6.32 -4.17
C HIS A 10 -0.91 -7.38 -5.16
N LEU A 11 0.13 -8.12 -4.77
CA LEU A 11 0.65 -9.21 -5.61
C LEU A 11 -0.45 -10.21 -5.95
N GLY A 12 -0.57 -10.50 -7.24
CA GLY A 12 -1.52 -11.49 -7.70
C GLY A 12 -2.81 -10.89 -8.22
N VAL A 13 -2.92 -9.57 -8.18
CA VAL A 13 -4.15 -8.96 -8.67
C VAL A 13 -4.26 -9.09 -10.19
N THR A 14 -5.47 -9.39 -10.65
CA THR A 14 -5.82 -9.19 -12.05
C THR A 14 -7.03 -8.24 -12.09
N SER A 15 -6.93 -7.19 -12.89
CA SER A 15 -7.95 -6.16 -12.89
C SER A 15 -9.06 -6.47 -13.89
N TRP A 16 -10.22 -5.85 -13.67
CA TRP A 16 -11.32 -5.89 -14.63
C TRP A 16 -11.72 -7.31 -15.03
N THR A 17 -11.91 -8.18 -14.04
CA THR A 17 -12.20 -9.58 -14.32
C THR A 17 -13.63 -9.78 -14.86
N SER A 18 -14.50 -8.87 -14.47
CA SER A 18 -15.90 -8.88 -14.88
C SER A 18 -16.06 -8.40 -16.32
N SER A 19 -14.98 -7.96 -16.96
CA SER A 19 -15.13 -7.25 -18.23
C SER A 19 -13.96 -7.43 -19.22
N ARG A 20 -12.73 -7.46 -18.72
CA ARG A 20 -11.59 -7.86 -19.53
C ARG A 20 -10.35 -8.08 -18.67
N PRO A 21 -10.18 -9.29 -18.15
CA PRO A 21 -9.06 -9.65 -17.29
C PRO A 21 -7.72 -9.16 -17.81
N VAL A 22 -7.07 -8.30 -17.04
CA VAL A 22 -5.68 -7.97 -17.30
C VAL A 22 -4.83 -8.39 -16.11
N ASP A 23 -3.96 -9.37 -16.31
CA ASP A 23 -3.04 -9.80 -15.26
C ASP A 23 -1.94 -8.74 -15.05
N ARG A 24 -1.92 -8.14 -13.87
CA ARG A 24 -1.00 -7.06 -13.57
C ARG A 24 0.42 -7.53 -13.20
N ARG A 25 0.68 -8.83 -13.23
CA ARG A 25 1.94 -9.35 -12.71
C ARG A 25 3.22 -8.74 -13.34
N GLU A 26 3.23 -8.57 -14.66
CA GLU A 26 4.41 -8.01 -15.33
C GLU A 26 4.69 -6.56 -14.91
N GLU A 27 3.68 -5.70 -15.04
CA GLU A 27 3.84 -4.30 -14.65
C GLU A 27 4.28 -4.16 -13.21
N LEU A 28 3.64 -4.93 -12.32
CA LEU A 28 3.95 -4.91 -10.90
C LEU A 28 5.39 -5.34 -10.57
N LYS A 29 5.88 -6.39 -11.24
CA LYS A 29 7.26 -6.83 -11.04
C LYS A 29 8.23 -5.76 -11.51
N LYS A 30 7.87 -5.07 -12.58
CA LYS A 30 8.71 -4.01 -13.11
C LYS A 30 8.96 -3.00 -11.99
N ALA A 31 7.88 -2.57 -11.34
CA ALA A 31 7.94 -1.57 -10.27
C ALA A 31 8.70 -2.07 -9.04
N LEU A 32 8.33 -3.25 -8.54
CA LEU A 32 9.03 -3.82 -7.40
C LEU A 32 10.52 -3.97 -7.66
N ASP A 33 10.87 -4.42 -8.87
CA ASP A 33 12.27 -4.54 -9.22
C ASP A 33 12.96 -3.19 -9.15
N LYS A 34 12.27 -2.15 -9.62
CA LYS A 34 12.82 -0.80 -9.59
C LYS A 34 13.01 -0.28 -8.16
N VAL A 35 12.00 -0.48 -7.32
CA VAL A 35 12.08 -0.12 -5.92
C VAL A 35 13.24 -0.82 -5.21
N VAL A 36 13.27 -2.14 -5.27
CA VAL A 36 14.34 -2.90 -4.62
C VAL A 36 15.74 -2.54 -5.15
N GLU A 37 15.86 -2.36 -6.47
CA GLU A 37 17.14 -1.96 -7.04
C GLU A 37 17.54 -0.59 -6.49
N GLU A 38 16.56 0.29 -6.30
CA GLU A 38 16.84 1.59 -5.69
C GLU A 38 17.32 1.47 -4.23
N ALA A 39 16.65 0.63 -3.44
CA ALA A 39 17.04 0.42 -2.04
C ALA A 39 18.43 -0.20 -1.88
N GLU A 40 18.85 -0.98 -2.89
CA GLU A 40 20.20 -1.53 -2.86
C GLU A 40 21.20 -0.39 -3.11
N LYS A 41 20.89 0.46 -4.08
CA LYS A 41 21.76 1.59 -4.45
C LYS A 41 22.00 2.57 -3.28
N ARG A 42 20.93 2.91 -2.57
CA ARG A 42 21.01 3.85 -1.45
C ARG A 42 21.52 3.17 -0.19
N GLU A 43 21.69 1.86 -0.24
CA GLU A 43 22.09 1.09 0.94
C GLU A 43 21.28 1.45 2.19
N VAL A 44 19.97 1.26 2.14
CA VAL A 44 19.12 1.56 3.29
C VAL A 44 19.45 0.68 4.49
N ASP A 45 18.99 1.09 5.67
CA ASP A 45 19.32 0.43 6.91
C ASP A 45 18.15 -0.40 7.38
N LEU A 46 16.96 -0.03 6.92
CA LEU A 46 15.73 -0.67 7.41
C LEU A 46 14.68 -0.61 6.30
N ILE A 47 13.87 -1.67 6.20
CA ILE A 47 12.80 -1.70 5.23
C ILE A 47 11.46 -1.95 5.93
N LEU A 48 10.49 -1.08 5.65
CA LEU A 48 9.20 -1.11 6.32
C LEU A 48 8.11 -1.43 5.31
N LEU A 49 7.48 -2.59 5.44
CA LEU A 49 6.36 -2.92 4.56
C LEU A 49 5.05 -2.83 5.34
N THR A 50 4.21 -1.86 5.01
CA THR A 50 3.00 -1.63 5.81
C THR A 50 1.72 -2.30 5.31
N GLY A 51 1.84 -3.48 4.70
CA GLY A 51 0.69 -4.35 4.53
C GLY A 51 0.02 -4.34 3.17
N ASP A 52 -0.94 -5.25 3.00
CA ASP A 52 -1.61 -5.50 1.71
C ASP A 52 -0.61 -5.87 0.62
N LEU A 53 0.39 -6.67 0.98
CA LEU A 53 1.35 -7.14 0.01
C LEU A 53 0.72 -8.13 -0.97
N LEU A 54 -0.18 -8.96 -0.46
CA LEU A 54 -0.96 -9.86 -1.28
C LEU A 54 -2.32 -9.26 -1.55
N HIS A 55 -2.97 -9.75 -2.58
CA HIS A 55 -4.22 -9.17 -3.01
C HIS A 55 -5.40 -9.99 -2.51
N SER A 56 -5.22 -11.30 -2.45
CA SER A 56 -6.33 -12.17 -2.09
C SER A 56 -6.38 -12.53 -0.59
N ARG A 57 -7.43 -12.05 0.08
CA ARG A 57 -7.61 -12.30 1.50
C ARG A 57 -7.77 -13.80 1.79
N ASN A 58 -8.48 -14.50 0.91
CA ASN A 58 -8.80 -15.92 1.18
C ASN A 58 -8.17 -16.92 0.24
N ASN A 59 -7.90 -16.52 -1.00
CA ASN A 59 -7.36 -17.49 -1.94
C ASN A 59 -6.21 -16.99 -2.84
N PRO A 60 -5.08 -16.68 -2.22
CA PRO A 60 -3.88 -16.30 -2.97
C PRO A 60 -3.35 -17.46 -3.82
N SER A 61 -2.74 -17.13 -4.96
CA SER A 61 -2.16 -18.14 -5.84
C SER A 61 -0.72 -18.48 -5.44
N VAL A 62 -0.29 -19.68 -5.79
CA VAL A 62 1.08 -20.07 -5.54
C VAL A 62 2.05 -19.09 -6.18
N VAL A 63 1.79 -18.71 -7.42
CA VAL A 63 2.64 -17.75 -8.12
C VAL A 63 2.83 -16.47 -7.31
N ALA A 64 1.72 -15.98 -6.75
CA ALA A 64 1.72 -14.79 -5.91
C ALA A 64 2.61 -14.96 -4.68
N LEU A 65 2.37 -16.03 -3.91
CA LEU A 65 3.22 -16.38 -2.77
C LEU A 65 4.70 -16.52 -3.13
N HIS A 66 4.97 -17.20 -4.24
CA HIS A 66 6.35 -17.40 -4.63
C HIS A 66 7.01 -16.05 -4.81
N ASP A 67 6.29 -15.15 -5.49
CA ASP A 67 6.75 -13.80 -5.74
C ASP A 67 7.04 -13.02 -4.45
N LEU A 68 6.04 -12.97 -3.58
CA LEU A 68 6.19 -12.28 -2.32
C LEU A 68 7.44 -12.77 -1.58
N LEU A 69 7.58 -14.08 -1.48
CA LEU A 69 8.73 -14.63 -0.77
C LEU A 69 10.05 -14.28 -1.47
N ASP A 70 10.05 -14.28 -2.80
CA ASP A 70 11.25 -13.85 -3.54
C ASP A 70 11.68 -12.44 -3.13
N TYR A 71 10.72 -11.52 -3.16
CA TYR A 71 10.99 -10.14 -2.78
C TYR A 71 11.42 -9.98 -1.33
N LEU A 72 10.65 -10.56 -0.41
CA LEU A 72 11.07 -10.57 0.99
C LEU A 72 12.53 -11.01 1.10
N LYS A 73 12.93 -11.99 0.30
CA LYS A 73 14.28 -12.53 0.39
C LYS A 73 15.31 -11.54 -0.15
N ARG A 74 15.05 -10.92 -1.30
CA ARG A 74 15.99 -9.97 -1.87
C ARG A 74 16.19 -8.82 -0.91
N MET A 75 15.09 -8.36 -0.33
CA MET A 75 15.13 -7.25 0.61
C MET A 75 15.97 -7.56 1.86
N MET A 76 15.74 -8.74 2.44
CA MET A 76 16.52 -9.16 3.59
C MET A 76 18.02 -9.19 3.32
N ARG A 77 18.40 -9.44 2.07
CA ARG A 77 19.81 -9.42 1.69
C ARG A 77 20.39 -8.01 1.81
N THR A 78 19.55 -6.99 1.66
CA THR A 78 20.05 -5.63 1.74
C THR A 78 19.90 -5.01 3.12
N ALA A 79 18.78 -5.28 3.80
CA ALA A 79 18.52 -4.74 5.15
C ALA A 79 17.43 -5.49 5.91
N PRO A 80 17.45 -5.41 7.24
CA PRO A 80 16.37 -6.02 8.04
C PRO A 80 15.01 -5.47 7.64
N VAL A 81 13.99 -6.31 7.60
CA VAL A 81 12.68 -5.81 7.19
C VAL A 81 11.64 -6.04 8.28
N VAL A 82 10.70 -5.11 8.38
CA VAL A 82 9.62 -5.22 9.35
C VAL A 82 8.29 -5.20 8.61
N VAL A 83 7.44 -6.21 8.82
CA VAL A 83 6.16 -6.22 8.11
C VAL A 83 4.91 -6.17 9.00
N LEU A 84 4.03 -5.26 8.63
CA LEU A 84 2.73 -5.09 9.26
C LEU A 84 1.67 -5.55 8.26
N PRO A 85 1.30 -6.83 8.30
CA PRO A 85 0.27 -7.24 7.33
C PRO A 85 -1.01 -6.44 7.49
N GLY A 86 -1.76 -6.27 6.39
CA GLY A 86 -3.01 -5.52 6.38
C GLY A 86 -4.26 -6.40 6.31
N ASN A 87 -5.38 -5.77 5.98
CA ASN A 87 -6.67 -6.47 5.93
C ASN A 87 -6.71 -7.53 4.84
N GLN A 88 -6.08 -7.25 3.70
CA GLN A 88 -6.16 -8.14 2.54
C GLN A 88 -4.97 -9.08 2.38
N ASP A 89 -4.13 -9.20 3.37
CA ASP A 89 -3.11 -10.23 3.31
C ASP A 89 -3.68 -11.54 3.80
N TRP A 90 -3.47 -12.59 3.00
CA TRP A 90 -3.94 -13.93 3.33
C TRP A 90 -3.64 -14.29 4.78
N LYS A 91 -4.60 -14.88 5.48
CA LYS A 91 -4.36 -15.27 6.87
C LYS A 91 -3.17 -16.21 7.02
N GLY A 92 -2.94 -17.07 6.04
CA GLY A 92 -1.81 -17.98 6.08
C GLY A 92 -0.47 -17.26 6.18
N LEU A 93 -0.38 -16.06 5.60
CA LEU A 93 0.84 -15.27 5.63
C LEU A 93 1.16 -14.77 7.05
N LYS A 94 0.12 -14.41 7.79
CA LYS A 94 0.32 -13.99 9.17
C LYS A 94 0.92 -15.14 10.00
N LEU A 95 0.42 -16.35 9.76
CA LEU A 95 0.97 -17.56 10.37
C LEU A 95 2.44 -17.78 10.05
N PHE A 96 2.82 -17.60 8.78
CA PHE A 96 4.22 -17.74 8.39
C PHE A 96 5.13 -16.67 8.97
N GLY A 97 4.65 -15.43 8.95
CA GLY A 97 5.42 -14.35 9.53
C GLY A 97 5.58 -14.56 11.01
N ASN A 98 4.55 -15.12 11.64
CA ASN A 98 4.69 -15.45 13.03
C ASN A 98 5.73 -16.55 13.27
N PHE A 99 5.84 -17.47 12.32
CA PHE A 99 6.75 -18.58 12.48
C PHE A 99 8.17 -18.13 12.17
N VAL A 100 8.35 -17.43 11.05
CA VAL A 100 9.66 -16.94 10.62
C VAL A 100 10.24 -15.85 11.54
N THR A 101 9.37 -15.23 12.34
CA THR A 101 9.75 -14.07 13.15
C THR A 101 10.64 -14.49 14.33
N SER A 102 10.34 -15.64 14.91
CA SER A 102 11.16 -16.21 15.99
C SER A 102 12.56 -16.63 15.49
N ILE A 103 12.57 -17.23 14.30
CA ILE A 103 13.77 -17.78 13.66
C ILE A 103 14.85 -16.77 13.24
N SER A 104 14.46 -15.52 13.00
CA SER A 104 15.42 -14.57 12.46
C SER A 104 15.33 -13.21 13.10
N SER A 105 16.45 -12.49 13.06
CA SER A 105 16.48 -11.11 13.53
C SER A 105 16.64 -10.21 12.32
N ASP A 106 16.41 -10.78 11.14
CA ASP A 106 16.52 -10.02 9.91
C ASP A 106 15.17 -9.81 9.26
N ILE A 107 14.18 -10.57 9.70
CA ILE A 107 12.81 -10.22 9.39
C ILE A 107 11.96 -10.35 10.65
N THR A 108 10.94 -9.50 10.74
CA THR A 108 10.08 -9.48 11.91
C THR A 108 8.68 -8.97 11.52
N PHE A 109 7.66 -9.77 11.86
CA PHE A 109 6.28 -9.40 11.59
C PHE A 109 5.64 -8.83 12.85
N VAL A 110 4.80 -7.82 12.68
CA VAL A 110 4.09 -7.22 13.83
C VAL A 110 2.60 -7.31 13.62
N MET A 111 1.91 -8.04 14.49
CA MET A 111 0.49 -8.31 14.23
C MET A 111 -0.43 -8.02 15.41
N SER A 112 0.02 -7.14 16.30
CA SER A 112 -0.79 -6.76 17.45
C SER A 112 -0.48 -5.31 17.80
N PHE A 113 -0.90 -4.87 18.97
CA PHE A 113 -0.54 -3.52 19.41
C PHE A 113 0.73 -3.53 20.25
N GLU A 114 1.33 -4.71 20.42
CA GLU A 114 2.51 -4.80 21.26
C GLU A 114 3.76 -4.30 20.53
N PRO A 115 4.42 -3.29 21.09
CA PRO A 115 5.68 -2.76 20.55
C PRO A 115 6.76 -3.84 20.50
N VAL A 116 7.59 -3.83 19.46
CA VAL A 116 8.76 -4.69 19.43
C VAL A 116 9.99 -3.87 19.10
N ASP A 117 11.13 -4.26 19.66
CA ASP A 117 12.38 -3.58 19.34
C ASP A 117 13.14 -4.34 18.26
N VAL A 118 13.81 -3.62 17.36
CA VAL A 118 14.60 -4.25 16.29
C VAL A 118 15.90 -3.46 16.09
N GLU A 119 16.92 -4.13 15.54
CA GLU A 119 18.17 -3.47 15.14
C GLU A 119 18.17 -3.28 13.63
N ALA A 120 18.72 -2.17 13.16
CA ALA A 120 18.82 -1.94 11.74
C ALA A 120 20.19 -2.43 11.22
N LYS A 121 20.42 -2.26 9.91
CA LYS A 121 21.63 -2.69 9.23
C LYS A 121 22.87 -2.40 10.05
N ARG A 122 22.96 -1.17 10.55
CA ARG A 122 24.16 -0.70 11.22
C ARG A 122 24.03 -0.59 12.73
N GLY A 123 23.11 -1.35 13.30
CA GLY A 123 22.98 -1.38 14.74
C GLY A 123 22.01 -0.39 15.39
N GLN A 124 21.56 0.61 14.65
CA GLN A 124 20.60 1.56 15.20
C GLN A 124 19.49 0.82 15.93
N LYS A 125 19.18 1.24 17.15
CA LYS A 125 18.13 0.57 17.90
C LYS A 125 16.76 1.22 17.61
N VAL A 126 15.88 0.45 16.97
CA VAL A 126 14.58 0.99 16.55
C VAL A 126 13.39 0.37 17.29
N ARG A 127 12.47 1.23 17.73
CA ARG A 127 11.27 0.79 18.42
C ARG A 127 10.06 0.90 17.50
N ILE A 128 9.39 -0.22 17.26
CA ILE A 128 8.24 -0.27 16.38
C ILE A 128 6.95 -0.19 17.19
N LEU A 129 6.13 0.81 16.90
CA LEU A 129 4.83 0.94 17.55
C LEU A 129 3.72 0.56 16.56
N PRO A 130 3.25 -0.69 16.60
CA PRO A 130 2.34 -1.10 15.53
C PRO A 130 0.87 -0.86 15.85
N PHE A 131 0.11 -0.59 14.79
CA PHE A 131 -1.33 -0.43 14.88
C PHE A 131 -1.96 -1.14 13.68
N PRO A 132 -2.31 -2.42 13.85
CA PRO A 132 -2.94 -3.16 12.74
C PRO A 132 -4.34 -2.67 12.40
N TYR A 133 -4.81 -3.03 11.21
CA TYR A 133 -6.13 -2.64 10.73
C TYR A 133 -7.20 -2.85 11.78
N PRO A 134 -7.99 -1.81 12.07
CA PRO A 134 -9.19 -1.94 12.91
C PRO A 134 -10.37 -2.56 12.13
N ASP A 135 -10.43 -3.89 12.10
CA ASP A 135 -11.41 -4.61 11.29
C ASP A 135 -12.77 -4.61 11.98
N GLU A 136 -13.84 -4.29 11.25
CA GLU A 136 -15.17 -4.35 11.84
C GLU A 136 -15.40 -5.74 12.41
N SER A 137 -14.89 -6.76 11.71
CA SER A 137 -15.01 -8.16 12.12
C SER A 137 -14.39 -8.49 13.49
N GLU A 138 -13.25 -7.87 13.81
CA GLU A 138 -12.60 -8.10 15.11
C GLU A 138 -13.09 -7.12 16.20
N ALA A 139 -14.10 -6.33 15.86
CA ALA A 139 -14.79 -5.51 16.86
C ALA A 139 -16.10 -6.18 17.25
N LEU A 140 -16.68 -6.94 16.32
CA LEU A 140 -17.78 -7.85 16.63
C LEU A 140 -17.21 -9.00 17.48
N ARG A 141 -16.10 -9.59 17.03
CA ARG A 141 -15.38 -10.60 17.81
C ARG A 141 -15.18 -10.18 19.27
N LYS A 142 -14.51 -9.06 19.49
CA LYS A 142 -14.21 -8.58 20.84
C LYS A 142 -15.48 -8.31 21.68
N ASN A 143 -16.57 -7.98 20.98
CA ASN A 143 -17.88 -7.76 21.60
C ASN A 143 -17.90 -6.61 22.60
N GLU A 144 -16.92 -5.72 22.50
CA GLU A 144 -16.91 -4.50 23.31
C GLU A 144 -17.67 -3.45 22.54
N GLY A 145 -18.84 -3.03 23.05
CA GLY A 145 -19.69 -2.07 22.36
C GLY A 145 -18.95 -0.92 21.67
N ASP A 146 -18.50 0.05 22.48
CA ASP A 146 -17.75 1.18 21.94
C ASP A 146 -16.29 0.81 21.71
N PHE A 147 -15.95 0.52 20.46
CA PHE A 147 -14.59 0.11 20.10
C PHE A 147 -13.57 1.24 20.31
N ARG A 148 -14.01 2.50 20.17
CA ARG A 148 -13.10 3.65 20.23
C ARG A 148 -12.42 3.93 21.58
N PHE A 149 -13.10 3.79 22.71
CA PHE A 149 -12.38 3.86 23.99
C PHE A 149 -11.23 2.85 24.04
N PHE A 150 -11.30 1.82 23.19
CA PHE A 150 -10.26 0.78 23.17
C PHE A 150 -9.07 1.14 22.27
N LEU A 151 -9.36 1.52 21.03
CA LEU A 151 -8.30 1.99 20.15
C LEU A 151 -7.55 3.16 20.78
N GLU A 152 -8.28 4.02 21.49
CA GLU A 152 -7.67 5.19 22.12
C GLU A 152 -6.72 4.77 23.24
N SER A 153 -7.05 3.71 23.95
CA SER A 153 -6.19 3.26 25.03
C SER A 153 -4.90 2.64 24.47
N ARG A 154 -4.96 2.25 23.20
CA ARG A 154 -3.85 1.59 22.55
C ARG A 154 -2.90 2.65 22.03
N LEU A 155 -3.46 3.64 21.36
CA LEU A 155 -2.70 4.78 20.92
C LEU A 155 -2.02 5.47 22.11
N ASN A 156 -2.60 5.34 23.31
CA ASN A 156 -1.95 5.94 24.48
C ASN A 156 -0.74 5.14 24.91
N LYS A 157 -0.92 3.82 24.97
CA LYS A 157 0.16 2.88 25.27
C LYS A 157 1.36 3.07 24.34
N LEU A 158 1.10 3.21 23.04
CA LEU A 158 2.17 3.37 22.07
C LEU A 158 2.90 4.69 22.31
N TYR A 159 2.16 5.69 22.76
CA TYR A 159 2.80 6.95 23.08
C TYR A 159 3.67 6.79 24.33
N GLU A 160 3.14 6.15 25.36
CA GLU A 160 3.92 6.00 26.58
C GLU A 160 5.20 5.20 26.26
N GLU A 161 5.10 4.30 25.29
CA GLU A 161 6.20 3.42 24.91
C GLU A 161 7.21 4.10 23.98
N ALA A 162 6.73 4.95 23.08
CA ALA A 162 7.63 5.71 22.22
C ALA A 162 8.57 6.60 23.04
N LEU A 163 8.13 7.01 24.23
CA LEU A 163 8.93 7.91 25.04
C LEU A 163 10.14 7.23 25.63
N LYS A 164 10.13 5.90 25.61
CA LYS A 164 11.25 5.11 26.14
C LYS A 164 12.19 4.58 25.04
N LYS A 165 12.01 5.07 23.82
CA LYS A 165 12.90 4.69 22.72
C LYS A 165 14.37 4.90 23.09
N GLU A 166 15.26 4.15 22.44
CA GLU A 166 16.69 4.44 22.52
C GLU A 166 17.06 5.34 21.34
N ASP A 167 17.17 4.78 20.14
CA ASP A 167 17.56 5.59 18.97
C ASP A 167 16.39 6.19 18.18
N PHE A 168 15.45 5.35 17.77
CA PHE A 168 14.29 5.85 17.02
C PHE A 168 13.05 5.08 17.40
N ALA A 169 11.92 5.79 17.38
CA ALA A 169 10.62 5.15 17.51
C ALA A 169 9.87 5.36 16.20
N ILE A 170 9.31 4.29 15.66
CA ILE A 170 8.62 4.35 14.39
C ILE A 170 7.24 3.70 14.50
N PHE A 171 6.20 4.45 14.15
CA PHE A 171 4.82 3.98 14.20
C PHE A 171 4.47 3.31 12.86
N MET A 172 3.80 2.16 12.92
CA MET A 172 3.34 1.49 11.70
C MET A 172 1.85 1.21 11.82
N GLY A 173 1.08 1.76 10.88
CA GLY A 173 -0.35 1.65 10.94
C GLY A 173 -0.88 1.16 9.62
N HIS A 174 -2.02 0.48 9.66
CA HIS A 174 -2.72 0.10 8.45
C HIS A 174 -4.18 0.47 8.64
N PHE A 175 -4.55 1.63 8.09
CA PHE A 175 -5.91 2.15 8.23
C PHE A 175 -6.15 3.39 7.37
N THR A 176 -7.39 3.87 7.37
CA THR A 176 -7.68 5.16 6.74
C THR A 176 -7.77 6.25 7.77
N VAL A 177 -7.17 7.41 7.46
CA VAL A 177 -7.33 8.58 8.30
C VAL A 177 -8.55 9.40 7.86
N GLU A 178 -8.97 10.34 8.70
CA GLU A 178 -10.12 11.22 8.40
C GLU A 178 -9.88 11.96 7.10
N GLY A 179 -9.77 11.20 6.03
CA GLY A 179 -9.61 11.76 4.72
C GLY A 179 -10.83 12.54 4.26
N LEU A 180 -11.30 12.21 3.08
CA LEU A 180 -12.18 13.10 2.39
C LEU A 180 -13.46 12.36 1.93
N ALA A 181 -14.55 12.57 2.68
CA ALA A 181 -15.93 12.25 2.28
C ALA A 181 -16.59 13.58 1.99
N GLY A 182 -17.70 13.63 1.26
CA GLY A 182 -18.27 12.52 0.54
C GLY A 182 -17.96 12.61 -0.94
N TYR A 183 -16.89 11.91 -1.30
CA TYR A 183 -16.78 11.29 -2.60
C TYR A 183 -18.13 10.62 -2.89
N ALA A 184 -18.65 10.75 -4.11
CA ALA A 184 -19.91 10.12 -4.48
C ALA A 184 -19.73 8.63 -4.84
N GLY A 185 -20.67 7.78 -4.43
CA GLY A 185 -21.74 8.10 -3.51
C GLY A 185 -21.97 6.91 -2.59
N ARG A 190 -17.99 0.96 4.55
CA ARG A 190 -17.66 1.66 5.80
C ARG A 190 -16.37 1.13 6.43
N GLU A 191 -15.65 2.00 7.13
CA GLU A 191 -14.43 1.63 7.84
C GLU A 191 -14.42 2.31 9.19
N ILE A 192 -13.63 1.76 10.11
CA ILE A 192 -13.28 2.50 11.31
C ILE A 192 -12.16 3.47 10.95
N ILE A 193 -12.51 4.76 10.78
CA ILE A 193 -11.51 5.74 10.37
C ILE A 193 -10.78 6.38 11.58
N ILE A 194 -9.47 6.57 11.45
CA ILE A 194 -8.66 7.11 12.54
C ILE A 194 -8.21 8.53 12.24
N ASN A 195 -8.47 9.45 13.16
CA ASN A 195 -8.02 10.82 12.96
C ASN A 195 -6.50 10.90 13.02
N ARG A 196 -5.90 11.56 12.05
CA ARG A 196 -4.44 11.67 12.02
C ARG A 196 -3.81 12.34 13.25
N ALA A 197 -4.54 13.23 13.91
CA ALA A 197 -4.00 13.87 15.11
C ALA A 197 -3.80 12.85 16.24
N LEU A 198 -4.36 11.66 16.05
CA LEU A 198 -4.35 10.62 17.08
C LEU A 198 -3.08 9.76 17.05
N ILE A 199 -2.37 9.82 15.92
CA ILE A 199 -1.10 9.14 15.78
C ILE A 199 -0.11 9.78 16.73
N PRO A 200 0.53 8.97 17.61
CA PRO A 200 1.37 9.51 18.70
C PRO A 200 2.37 10.57 18.20
N SER A 201 2.40 11.74 18.81
CA SER A 201 3.16 12.85 18.23
C SER A 201 4.68 12.72 18.39
N VAL A 202 5.12 11.80 19.26
CA VAL A 202 6.53 11.71 19.64
C VAL A 202 7.40 10.77 18.79
N VAL A 203 6.78 9.97 17.92
CA VAL A 203 7.53 9.07 17.04
C VAL A 203 8.29 9.86 15.99
N ASP A 204 9.39 9.30 15.47
CA ASP A 204 10.18 10.02 14.47
C ASP A 204 9.62 9.89 13.05
N TYR A 205 8.79 8.88 12.85
CA TYR A 205 8.18 8.59 11.55
C TYR A 205 6.95 7.73 11.78
N ALA A 206 5.94 7.92 10.95
CA ALA A 206 4.72 7.12 11.06
C ALA A 206 4.44 6.55 9.69
N ALA A 207 4.72 5.26 9.51
CA ALA A 207 4.53 4.63 8.21
C ALA A 207 3.13 4.04 8.10
N LEU A 208 2.36 4.48 7.12
CA LEU A 208 0.99 4.00 6.97
C LEU A 208 0.82 3.16 5.70
N GLY A 209 -0.19 2.30 5.70
CA GLY A 209 -0.59 1.60 4.50
C GLY A 209 -2.10 1.48 4.50
N HIS A 210 -2.66 1.23 3.32
CA HIS A 210 -4.06 0.83 3.08
C HIS A 210 -4.63 1.73 1.99
N ILE A 211 -4.10 2.93 1.95
CA ILE A 211 -4.51 3.91 0.98
C ILE A 211 -3.57 3.79 -0.21
N HIS A 212 -4.13 3.84 -1.42
CA HIS A 212 -3.38 3.56 -2.66
C HIS A 212 -2.72 4.77 -3.26
N SER A 213 -3.08 5.96 -2.78
CA SER A 213 -2.51 7.20 -3.32
C SER A 213 -1.43 7.72 -2.41
N PHE A 214 -0.23 7.94 -2.95
CA PHE A 214 0.79 8.58 -2.14
C PHE A 214 0.21 9.83 -1.51
N ARG A 215 0.40 10.00 -0.22
CA ARG A 215 0.05 11.26 0.44
C ARG A 215 0.96 11.56 1.62
N GLU A 216 1.41 12.80 1.71
CA GLU A 216 2.12 13.28 2.90
C GLU A 216 1.11 13.79 3.94
N ILE A 217 0.62 12.89 4.81
CA ILE A 217 -0.49 13.17 5.73
C ILE A 217 -0.27 14.31 6.75
N GLN A 218 0.95 14.45 7.27
CA GLN A 218 1.30 15.55 8.16
C GLN A 218 2.82 15.59 8.34
N LYS A 219 3.35 16.69 8.88
CA LYS A 219 4.81 16.85 8.96
C LYS A 219 5.42 16.56 10.34
N GLN A 220 4.63 16.73 11.40
CA GLN A 220 5.13 16.44 12.75
C GLN A 220 4.07 15.70 13.57
N PRO A 221 4.19 14.36 13.67
CA PRO A 221 5.29 13.56 13.12
C PRO A 221 5.13 13.33 11.62
N LEU A 222 6.25 13.17 10.91
CA LEU A 222 6.18 12.85 9.49
C LEU A 222 5.34 11.59 9.27
N THR A 223 4.26 11.73 8.51
CA THR A 223 3.35 10.62 8.30
C THR A 223 3.05 10.47 6.82
N ILE A 224 3.38 9.32 6.27
CA ILE A 224 3.21 9.08 4.84
C ILE A 224 2.44 7.79 4.52
N TYR A 225 1.62 7.83 3.47
CA TYR A 225 1.18 6.64 2.74
C TYR A 225 2.02 6.67 1.48
N PRO A 226 2.79 5.61 1.22
CA PRO A 226 3.55 5.64 -0.05
C PRO A 226 2.69 5.41 -1.30
N GLY A 227 1.55 4.72 -1.14
CA GLY A 227 0.66 4.38 -2.24
C GLY A 227 0.93 3.03 -2.88
N SER A 228 0.11 2.65 -3.85
CA SER A 228 0.34 1.43 -4.64
C SER A 228 1.56 1.60 -5.52
N LEU A 229 1.89 0.55 -6.25
CA LEU A 229 2.93 0.60 -7.26
C LEU A 229 2.30 0.60 -8.65
N ILE A 230 0.98 0.35 -8.69
CA ILE A 230 0.22 0.38 -9.94
C ILE A 230 -1.16 1.00 -9.70
N ARG A 231 -1.85 1.36 -10.78
CA ARG A 231 -3.20 1.87 -10.70
C ARG A 231 -4.18 0.72 -10.87
N ILE A 232 -4.84 0.35 -9.77
CA ILE A 232 -5.65 -0.86 -9.69
C ILE A 232 -6.97 -0.81 -10.47
N ASP A 233 -7.79 0.22 -10.24
CA ASP A 233 -8.92 0.50 -11.12
C ASP A 233 -9.05 2.02 -11.38
N PHE A 234 -10.18 2.44 -11.96
CA PHE A 234 -10.29 3.78 -12.55
C PHE A 234 -10.49 4.93 -11.57
N GLY A 235 -10.62 4.61 -10.29
CA GLY A 235 -10.63 5.63 -9.27
C GLY A 235 -9.23 6.12 -8.92
N GLU A 236 -8.25 5.72 -9.74
CA GLU A 236 -6.85 6.09 -9.51
C GLU A 236 -6.18 6.61 -10.79
N GLU A 237 -6.90 7.43 -11.55
CA GLU A 237 -6.32 8.05 -12.74
C GLU A 237 -5.34 9.18 -12.37
N ALA A 238 -5.58 9.87 -11.25
CA ALA A 238 -4.90 11.13 -10.96
C ALA A 238 -3.88 11.13 -9.78
N ASP A 239 -3.77 10.04 -9.05
CA ASP A 239 -2.89 10.01 -7.88
C ASP A 239 -1.47 9.63 -8.24
N GLU A 240 -0.59 9.52 -7.25
CA GLU A 240 0.78 9.12 -7.54
C GLU A 240 1.15 7.76 -6.95
N LYS A 241 1.92 6.99 -7.70
CA LYS A 241 2.30 5.64 -7.31
C LYS A 241 3.81 5.53 -7.03
N GLY A 242 4.18 4.67 -6.11
CA GLY A 242 5.59 4.42 -5.86
C GLY A 242 5.86 4.07 -4.42
N ALA A 243 7.11 4.24 -4.01
CA ALA A 243 7.50 4.01 -2.63
C ALA A 243 8.17 5.27 -2.12
N VAL A 244 8.73 5.18 -0.93
CA VAL A 244 9.28 6.35 -0.29
C VAL A 244 10.57 6.00 0.41
N PHE A 245 11.58 6.84 0.24
CA PHE A 245 12.83 6.68 0.99
C PHE A 245 12.90 7.77 2.06
N VAL A 246 13.12 7.37 3.31
CA VAL A 246 13.13 8.28 4.46
C VAL A 246 14.45 8.26 5.21
N GLU A 247 14.95 9.43 5.60
CA GLU A 247 16.17 9.52 6.43
C GLU A 247 15.85 10.13 7.78
N LEU A 248 16.33 9.51 8.84
CA LEU A 248 16.12 10.01 10.21
C LEU A 248 17.46 10.21 10.88
N LYS A 249 17.65 11.38 11.48
CA LYS A 249 18.89 11.69 12.19
C LYS A 249 18.53 12.22 13.57
N ARG A 250 19.22 11.75 14.61
CA ARG A 250 18.80 12.05 15.99
C ARG A 250 18.55 13.55 16.27
N GLY A 251 19.50 14.39 15.88
CA GLY A 251 19.33 15.81 16.13
C GLY A 251 18.32 16.55 15.27
N GLU A 252 17.90 15.95 14.16
CA GLU A 252 17.31 16.75 13.09
C GLU A 252 15.89 16.36 12.64
N PRO A 253 15.24 17.27 11.90
CA PRO A 253 13.96 16.95 11.27
C PRO A 253 14.13 15.89 10.17
N PRO A 254 13.13 15.00 10.03
CA PRO A 254 13.15 13.91 9.05
C PRO A 254 13.12 14.42 7.62
N ARG A 255 13.75 13.70 6.71
CA ARG A 255 13.75 14.07 5.29
C ARG A 255 13.29 12.87 4.47
N TYR A 256 12.73 13.13 3.28
CA TYR A 256 12.20 12.05 2.45
C TYR A 256 12.14 12.40 0.97
N GLU A 257 11.95 11.37 0.16
CA GLU A 257 12.08 11.46 -1.29
C GLU A 257 11.26 10.31 -1.86
N ARG A 258 10.38 10.60 -2.81
CA ARG A 258 9.59 9.55 -3.42
C ARG A 258 10.46 8.77 -4.41
N ILE A 259 10.14 7.50 -4.60
CA ILE A 259 10.56 6.79 -5.81
C ILE A 259 9.30 6.57 -6.61
N ASP A 260 9.20 7.24 -7.76
CA ASP A 260 8.00 7.07 -8.56
C ASP A 260 8.02 5.69 -9.22
N ALA A 261 6.90 4.98 -9.19
CA ALA A 261 6.88 3.65 -9.78
C ALA A 261 6.78 3.66 -11.32
N SER A 262 6.49 4.82 -11.90
CA SER A 262 6.32 4.93 -13.34
C SER A 262 5.25 3.98 -13.86
N PRO A 263 4.06 4.05 -13.26
CA PRO A 263 3.00 3.10 -13.59
C PRO A 263 2.35 3.41 -14.92
N LEU A 264 1.82 2.39 -15.58
CA LEU A 264 0.97 2.56 -16.75
C LEU A 264 -0.26 3.40 -16.42
N PRO A 265 -0.61 4.33 -17.31
CA PRO A 265 -1.71 5.26 -17.07
C PRO A 265 -3.09 4.66 -17.35
N LEU A 266 -4.10 5.34 -16.83
CA LEU A 266 -5.50 4.97 -17.03
C LEU A 266 -6.23 6.19 -17.57
N LYS A 267 -7.29 5.95 -18.30
CA LYS A 267 -7.95 7.06 -18.95
C LYS A 267 -9.39 6.69 -19.20
N THR A 268 -10.29 7.63 -18.95
CA THR A 268 -11.69 7.48 -19.33
C THR A 268 -12.14 8.40 -20.48
N LEU A 269 -12.83 7.82 -21.44
CA LEU A 269 -13.44 8.54 -22.55
C LEU A 269 -14.95 8.62 -22.34
N TYR A 270 -15.53 9.80 -22.52
CA TYR A 270 -16.96 10.04 -22.29
C TYR A 270 -17.68 10.42 -23.59
N TYR A 271 -18.78 9.71 -23.89
CA TYR A 271 -19.61 10.00 -25.07
C TYR A 271 -21.11 10.00 -24.77
N LYS A 272 -21.86 10.84 -25.49
CA LYS A 272 -23.32 10.84 -25.42
C LYS A 272 -23.84 9.56 -26.06
N LYS A 273 -23.75 9.51 -27.38
CA LYS A 273 -24.10 8.32 -28.15
C LYS A 273 -22.81 7.75 -28.73
N ILE A 274 -22.70 6.44 -28.78
CA ILE A 274 -21.63 5.85 -29.56
C ILE A 274 -21.98 6.00 -31.03
N ASP A 275 -21.56 7.13 -31.62
CA ASP A 275 -21.79 7.43 -33.04
C ASP A 275 -20.79 6.72 -33.93
N THR A 276 -20.70 7.23 -35.15
CA THR A 276 -19.60 6.89 -36.03
C THR A 276 -18.44 7.78 -35.64
N SER A 277 -18.76 8.98 -35.15
CA SER A 277 -17.73 9.90 -34.65
C SER A 277 -17.07 9.35 -33.39
N ALA A 278 -17.88 8.97 -32.42
CA ALA A 278 -17.36 8.34 -31.21
C ALA A 278 -16.41 7.18 -31.54
N LEU A 279 -16.84 6.29 -32.44
CA LEU A 279 -16.04 5.12 -32.77
C LEU A 279 -14.66 5.55 -33.25
N LYS A 280 -14.64 6.64 -34.01
CA LYS A 280 -13.40 7.17 -34.53
C LYS A 280 -12.57 7.71 -33.35
N SER A 281 -13.21 8.54 -32.53
CA SER A 281 -12.55 9.09 -31.35
C SER A 281 -11.94 8.01 -30.43
N ILE A 282 -12.71 6.95 -30.17
CA ILE A 282 -12.25 5.87 -29.30
C ILE A 282 -11.06 5.20 -29.93
N ARG A 283 -11.23 4.83 -31.19
CA ARG A 283 -10.15 4.19 -31.92
C ARG A 283 -8.88 5.06 -31.94
N ASP A 284 -9.04 6.36 -32.19
CA ASP A 284 -7.91 7.28 -32.24
C ASP A 284 -7.26 7.50 -30.86
N SER A 285 -8.08 7.54 -29.82
CA SER A 285 -7.63 7.81 -28.45
C SER A 285 -6.95 6.61 -27.79
N CYS A 286 -7.22 5.40 -28.27
CA CYS A 286 -6.59 4.23 -27.69
C CYS A 286 -5.35 3.80 -28.45
N ARG A 287 -5.20 4.28 -29.69
CA ARG A 287 -4.23 3.65 -30.60
C ARG A 287 -2.81 3.66 -30.12
N ASN A 288 -2.37 4.79 -29.57
CA ASN A 288 -0.97 4.95 -29.18
C ASN A 288 -0.82 5.11 -27.67
N PHE A 289 -1.90 4.86 -26.95
CA PHE A 289 -1.92 5.02 -25.50
C PHE A 289 -1.28 3.80 -24.85
N PRO A 290 -0.25 4.01 -24.02
CA PRO A 290 0.54 2.95 -23.39
C PRO A 290 -0.13 2.30 -22.19
N GLY A 291 -1.37 2.68 -21.90
CA GLY A 291 -2.03 2.14 -20.73
C GLY A 291 -3.42 1.58 -21.02
N TYR A 292 -4.33 1.76 -20.08
CA TYR A 292 -5.65 1.17 -20.19
C TYR A 292 -6.76 2.21 -20.25
N VAL A 293 -7.80 1.88 -21.01
CA VAL A 293 -8.88 2.82 -21.28
C VAL A 293 -10.25 2.25 -20.90
N ARG A 294 -11.09 3.11 -20.36
CA ARG A 294 -12.49 2.84 -20.12
C ARG A 294 -13.30 3.88 -20.91
N VAL A 295 -14.39 3.45 -21.55
CA VAL A 295 -15.35 4.40 -22.10
C VAL A 295 -16.68 4.30 -21.36
N VAL A 296 -17.28 5.46 -21.06
CA VAL A 296 -18.65 5.45 -20.57
C VAL A 296 -19.50 6.31 -21.49
N TYR A 297 -20.72 5.84 -21.78
CA TYR A 297 -21.65 6.57 -22.64
C TYR A 297 -23.07 6.65 -22.04
N GLU A 298 -23.91 7.49 -22.62
CA GLU A 298 -25.26 7.75 -22.09
C GLU A 298 -26.38 7.04 -22.87
N GLU A 299 -26.43 7.24 -24.18
CA GLU A 299 -27.51 6.67 -25.01
C GLU A 299 -27.13 5.40 -25.80
N ASP A 300 -28.10 4.48 -25.92
CA ASP A 300 -27.85 3.08 -26.25
C ASP A 300 -27.62 2.67 -27.71
N SER A 301 -27.17 1.42 -27.88
CA SER A 301 -27.10 0.71 -29.16
C SER A 301 -27.03 -0.81 -28.91
N LEU A 304 -24.24 -2.32 -31.04
CA LEU A 304 -22.93 -1.78 -30.66
C LEU A 304 -21.83 -2.77 -30.99
N PRO A 305 -20.81 -2.32 -31.75
CA PRO A 305 -19.80 -3.20 -32.36
C PRO A 305 -18.81 -3.80 -31.35
N ASP A 306 -18.01 -4.77 -31.78
CA ASP A 306 -17.06 -5.40 -30.87
C ASP A 306 -15.74 -4.65 -30.80
N LEU A 307 -15.73 -3.59 -30.00
CA LEU A 307 -14.56 -2.77 -29.82
C LEU A 307 -13.41 -3.53 -29.14
N MET A 308 -13.73 -4.30 -28.11
CA MET A 308 -12.68 -4.97 -27.34
C MET A 308 -11.96 -6.05 -28.13
N GLY A 309 -12.60 -6.59 -29.16
CA GLY A 309 -11.92 -7.52 -30.03
C GLY A 309 -10.91 -6.83 -30.93
N GLU A 310 -11.10 -5.53 -31.09
CA GLU A 310 -10.32 -4.75 -32.03
C GLU A 310 -9.25 -3.89 -31.34
N ILE A 311 -9.51 -3.53 -30.09
CA ILE A 311 -8.64 -2.64 -29.33
C ILE A 311 -8.16 -3.31 -28.04
N ASP A 312 -6.90 -3.73 -28.03
CA ASP A 312 -6.33 -4.49 -26.92
C ASP A 312 -6.37 -3.79 -25.56
N ASN A 313 -6.30 -2.46 -25.56
CA ASN A 313 -6.21 -1.73 -24.30
C ASN A 313 -7.52 -1.08 -23.83
N LEU A 314 -8.62 -1.41 -24.48
CA LEU A 314 -9.94 -0.98 -24.04
C LEU A 314 -10.48 -2.02 -23.05
N VAL A 315 -10.49 -1.70 -21.77
CA VAL A 315 -10.81 -2.72 -20.75
C VAL A 315 -12.22 -2.62 -20.12
N LYS A 316 -12.93 -1.51 -20.32
CA LYS A 316 -14.26 -1.35 -19.72
C LYS A 316 -15.16 -0.42 -20.51
N ILE A 317 -16.42 -0.80 -20.65
CA ILE A 317 -17.44 0.04 -21.30
C ILE A 317 -18.71 0.06 -20.46
N GLU A 318 -19.09 1.24 -19.95
CA GLU A 318 -20.26 1.38 -19.05
C GLU A 318 -21.44 2.15 -19.66
N ARG A 319 -22.53 2.29 -18.89
CA ARG A 319 -23.67 3.15 -19.25
C ARG A 319 -24.17 3.98 -18.05
MN MN B . -4.32 -1.64 -0.23
MN MN C . -5.66 -2.42 3.56
S SO4 D . 22.44 6.75 12.29
O1 SO4 D . 21.42 5.82 11.80
O2 SO4 D . 21.81 7.98 12.79
O3 SO4 D . 23.19 6.12 13.37
O4 SO4 D . 23.34 7.05 11.16
S SO4 E . 25.03 8.34 7.08
O1 SO4 E . 23.65 7.87 7.27
O2 SO4 E . 25.80 8.01 8.27
O3 SO4 E . 25.59 7.70 5.89
O4 SO4 E . 25.02 9.80 6.91
S SO4 F . -4.90 15.00 2.70
O1 SO4 F . -6.31 14.84 3.09
O2 SO4 F . -4.08 15.28 3.90
O3 SO4 F . -4.42 13.75 2.07
O4 SO4 F . -4.77 16.11 1.74
#